data_6ZA8
#
_entry.id   6ZA8
#
_cell.length_a   76.468
_cell.length_b   211.197
_cell.length_c   93.703
_cell.angle_alpha   90.000
_cell.angle_beta   90.000
_cell.angle_gamma   90.000
#
_symmetry.space_group_name_H-M   'C 2 2 21'
#
loop_
_entity.id
_entity.type
_entity.pdbx_description
1 polymer 'Neurotensin receptor type 1,Neurotensin receptor type 1,Neurotensin receptor 1 (NTSR1),Neurotensin receptor 1 (NTSR1),Neurotensin receptor type 1,Neurotensin receptor 1 (NTSR1),Neurotensin receptor 1 (NTSR1)'
2 non-polymer '(2~{S})-2-[[1-(7-chloranylquinolin-4-yl)-5-(2,6-dimethoxyphenyl)pyrazol-3-yl]carbonylamino]-4-methyl-pentanoic acid'
#
_entity_poly.entity_id   1
_entity_poly.type   'polypeptide(L)'
_entity_poly.pdbx_seq_one_letter_code
;GPGSGPNSDLDVNTDIYSKVLVTAIYLALFVVGTVGNGVTLFTLARKKSLQSLQSRVDYYLGSLALSDLLILLFALPVDL
YNFIWVHHPWAFGDAGCKGYYFLREACTYATALNVVSLSVELYLAICHPFKAKTLMSRSRTKKFISAIWLASALLAIPML
FTMGLQNLSGDGTHPGGLVCTPIVDTATLRVVIQLNTFMSFLFPMLVASILNTVAARRLTVMVHQAAFNMTIEPGRVQAL
RRGVLVLRAVVIAFVVCWLPYHVRRLMFVYISDEQWTTALFDFYHYFYMLSNALVYVSAAINPILYNLAEDLVEDWEKAR
KLLEAARKGQDDEVRILLANGADVNTADETGFTPLHLAAWEGHLGIVEVLLKNGADVNANDERGHTPLHLAAYTGHLEIV
EVLLKNGAGVNATDVIGTAPLHLAAMWGHLEIVEVLLKNGADVNAQDKFGKTPFDLAIDNGNEDIAEVLQKAATRELEVL
FQ
;
_entity_poly.pdbx_strand_id   AAA
#
loop_
_chem_comp.id
_chem_comp.type
_chem_comp.name
_chem_comp.formula
SR5 non-polymer '(2~{S})-2-[[1-(7-chloranylquinolin-4-yl)-5-(2,6-dimethoxyphenyl)pyrazol-3-yl]carbonylamino]-4-methyl-pentanoic acid' 'C27 H27 Cl N4 O5'
#
# COMPACT_ATOMS: atom_id res chain seq x y z
N THR A 14 -43.82 -10.15 6.79
CA THR A 14 -45.00 -10.29 5.88
C THR A 14 -44.60 -9.96 4.43
N ASP A 15 -43.59 -9.11 4.24
CA ASP A 15 -42.97 -8.85 2.92
C ASP A 15 -41.94 -9.96 2.63
N ILE A 16 -42.37 -11.02 1.95
CA ILE A 16 -41.57 -12.25 1.69
C ILE A 16 -40.48 -11.94 0.64
N TYR A 17 -40.81 -11.16 -0.39
CA TYR A 17 -39.85 -10.76 -1.46
C TYR A 17 -38.60 -10.16 -0.82
N SER A 18 -38.79 -9.22 0.11
CA SER A 18 -37.71 -8.55 0.88
C SER A 18 -36.76 -9.61 1.48
N LYS A 19 -37.32 -10.64 2.12
CA LYS A 19 -36.55 -11.72 2.79
C LYS A 19 -35.82 -12.55 1.74
N VAL A 20 -36.50 -12.89 0.64
CA VAL A 20 -35.95 -13.71 -0.49
C VAL A 20 -34.78 -12.94 -1.12
N LEU A 21 -35.00 -11.67 -1.48
CA LEU A 21 -33.97 -10.77 -2.09
C LEU A 21 -32.73 -10.74 -1.20
N VAL A 22 -32.92 -10.64 0.12
CA VAL A 22 -31.84 -10.57 1.14
C VAL A 22 -31.13 -11.93 1.19
N THR A 23 -31.88 -13.03 1.17
CA THR A 23 -31.35 -14.42 1.20
C THR A 23 -30.36 -14.60 0.05
N ALA A 24 -30.74 -14.22 -1.17
CA ALA A 24 -29.89 -14.28 -2.38
C ALA A 24 -28.57 -13.55 -2.11
N ILE A 25 -28.66 -12.30 -1.63
CA ILE A 25 -27.49 -11.40 -1.37
C ILE A 25 -26.65 -11.99 -0.22
N TYR A 26 -27.29 -12.49 0.84
CA TYR A 26 -26.62 -13.12 2.01
C TYR A 26 -25.82 -14.34 1.55
N LEU A 27 -26.45 -15.22 0.76
CA LEU A 27 -25.82 -16.45 0.20
C LEU A 27 -24.65 -16.04 -0.72
N ALA A 28 -24.88 -15.06 -1.59
CA ALA A 28 -23.88 -14.51 -2.52
C ALA A 28 -22.65 -14.05 -1.73
N LEU A 29 -22.88 -13.23 -0.71
CA LEU A 29 -21.83 -12.67 0.18
C LEU A 29 -21.21 -13.80 1.02
N PHE A 30 -22.03 -14.77 1.43
CA PHE A 30 -21.59 -15.95 2.23
C PHE A 30 -20.64 -16.80 1.38
N VAL A 31 -21.15 -17.42 0.31
CA VAL A 31 -20.41 -18.46 -0.47
C VAL A 31 -19.09 -17.88 -0.95
N VAL A 32 -19.11 -16.67 -1.52
CA VAL A 32 -17.90 -16.00 -2.10
C VAL A 32 -17.00 -15.52 -0.96
N GLY A 33 -17.57 -14.82 0.02
CA GLY A 33 -16.83 -14.19 1.13
C GLY A 33 -16.10 -15.22 1.99
N THR A 34 -16.75 -16.35 2.26
CA THR A 34 -16.17 -17.49 3.03
C THR A 34 -14.99 -18.06 2.25
N VAL A 35 -15.21 -18.41 0.98
CA VAL A 35 -14.18 -18.95 0.04
C VAL A 35 -13.03 -17.94 -0.07
N GLY A 36 -13.35 -16.66 -0.27
CA GLY A 36 -12.38 -15.57 -0.44
C GLY A 36 -11.45 -15.44 0.75
N ASN A 37 -12.01 -15.35 1.96
CA ASN A 37 -11.27 -15.18 3.24
C ASN A 37 -10.55 -16.49 3.58
N GLY A 38 -11.20 -17.64 3.34
CA GLY A 38 -10.59 -18.97 3.49
C GLY A 38 -9.29 -19.07 2.70
N VAL A 39 -9.36 -18.84 1.39
CA VAL A 39 -8.21 -18.89 0.44
C VAL A 39 -7.12 -17.92 0.90
N THR A 40 -7.50 -16.73 1.38
CA THR A 40 -6.56 -15.67 1.85
C THR A 40 -5.75 -16.20 3.04
N LEU A 41 -6.41 -16.88 3.99
CA LEU A 41 -5.77 -17.47 5.19
C LEU A 41 -4.88 -18.65 4.78
N PHE A 42 -5.36 -19.49 3.86
CA PHE A 42 -4.64 -20.68 3.33
C PHE A 42 -3.37 -20.23 2.60
N THR A 43 -3.49 -19.19 1.76
CA THR A 43 -2.39 -18.59 0.96
C THR A 43 -1.32 -18.02 1.89
N LEU A 44 -1.73 -17.27 2.92
CA LEU A 44 -0.81 -16.60 3.87
C LEU A 44 -0.10 -17.64 4.76
N ALA A 45 -0.75 -18.78 5.02
CA ALA A 45 -0.20 -19.90 5.83
C ALA A 45 1.13 -20.37 5.22
N ARG A 46 1.23 -20.38 3.89
CA ARG A 46 2.39 -20.93 3.13
C ARG A 46 3.43 -19.81 2.93
N LEU A 53 10.66 -9.26 5.48
CA LEU A 53 10.76 -7.90 6.07
C LEU A 53 9.36 -7.34 6.31
N GLN A 54 8.56 -7.16 5.24
CA GLN A 54 7.14 -6.73 5.29
C GLN A 54 6.23 -7.95 5.15
N SER A 55 6.50 -8.99 5.94
CA SER A 55 5.59 -10.11 6.24
C SER A 55 4.68 -9.71 7.41
N ARG A 56 4.89 -8.50 7.95
CA ARG A 56 4.10 -7.89 9.04
C ARG A 56 2.76 -7.40 8.48
N VAL A 57 2.73 -7.03 7.20
CA VAL A 57 1.50 -6.71 6.41
C VAL A 57 0.60 -7.94 6.38
N ASP A 58 1.17 -9.10 6.00
CA ASP A 58 0.47 -10.40 5.86
C ASP A 58 -0.25 -10.77 7.16
N TYR A 59 0.39 -10.55 8.31
CA TYR A 59 -0.18 -10.87 9.66
C TYR A 59 -1.48 -10.10 9.86
N TYR A 60 -1.51 -8.81 9.52
CA TYR A 60 -2.70 -7.92 9.66
C TYR A 60 -3.81 -8.39 8.69
N LEU A 61 -3.44 -8.69 7.44
CA LEU A 61 -4.38 -9.17 6.39
C LEU A 61 -4.91 -10.55 6.79
N GLY A 62 -4.08 -11.36 7.44
CA GLY A 62 -4.46 -12.68 8.01
C GLY A 62 -5.42 -12.51 9.18
N SER A 63 -5.13 -11.54 10.06
CA SER A 63 -5.97 -11.16 11.23
C SER A 63 -7.37 -10.74 10.76
N LEU A 64 -7.43 -9.86 9.74
CA LEU A 64 -8.69 -9.34 9.16
C LEU A 64 -9.47 -10.47 8.48
N ALA A 65 -8.79 -11.26 7.65
CA ALA A 65 -9.36 -12.44 6.95
C ALA A 65 -10.09 -13.33 7.98
N LEU A 66 -9.42 -13.64 9.10
CA LEU A 66 -9.95 -14.51 10.18
C LEU A 66 -11.22 -13.88 10.78
N SER A 67 -11.14 -12.62 11.22
CA SER A 67 -12.25 -11.88 11.85
C SER A 67 -13.45 -11.83 10.89
N ASP A 68 -13.20 -11.53 9.61
CA ASP A 68 -14.26 -11.37 8.57
C ASP A 68 -14.82 -12.74 8.18
N LEU A 69 -13.99 -13.77 8.13
CA LEU A 69 -14.42 -15.18 7.86
C LEU A 69 -15.45 -15.61 8.91
N LEU A 70 -15.12 -15.45 10.19
CA LEU A 70 -15.93 -15.90 11.35
C LEU A 70 -17.31 -15.24 11.32
N ILE A 71 -17.39 -13.97 10.90
CA ILE A 71 -18.67 -13.20 10.78
C ILE A 71 -19.56 -13.88 9.73
N LEU A 72 -19.00 -14.21 8.57
CA LEU A 72 -19.74 -14.82 7.44
C LEU A 72 -20.10 -16.27 7.77
N LEU A 73 -19.21 -17.00 8.46
CA LEU A 73 -19.35 -18.46 8.70
C LEU A 73 -20.35 -18.73 9.83
N PHE A 74 -20.33 -17.94 10.90
CA PHE A 74 -21.10 -18.20 12.15
C PHE A 74 -22.25 -17.20 12.29
N ALA A 75 -21.98 -15.90 12.10
CA ALA A 75 -22.93 -14.80 12.36
C ALA A 75 -24.00 -14.75 11.27
N LEU A 76 -23.60 -14.77 9.99
CA LEU A 76 -24.51 -14.63 8.83
C LEU A 76 -25.60 -15.71 8.85
N PRO A 77 -25.26 -17.03 8.84
CA PRO A 77 -26.29 -18.06 8.74
C PRO A 77 -27.30 -18.05 9.90
N VAL A 78 -26.84 -17.81 11.13
CA VAL A 78 -27.71 -17.66 12.33
C VAL A 78 -28.64 -16.46 12.12
N ASP A 79 -28.06 -15.33 11.70
CA ASP A 79 -28.79 -14.07 11.41
C ASP A 79 -29.87 -14.35 10.35
N LEU A 80 -29.45 -14.89 9.19
CA LEU A 80 -30.33 -15.20 8.03
C LEU A 80 -31.54 -16.03 8.52
N TYR A 81 -31.30 -17.09 9.29
CA TYR A 81 -32.33 -18.06 9.70
C TYR A 81 -33.26 -17.47 10.77
N ASN A 82 -32.70 -16.99 11.89
CA ASN A 82 -33.46 -16.75 13.15
C ASN A 82 -33.78 -15.25 13.35
N PHE A 83 -33.41 -14.38 12.40
CA PHE A 83 -33.73 -12.92 12.47
C PHE A 83 -34.46 -12.45 11.20
N ILE A 84 -34.14 -13.01 10.03
CA ILE A 84 -34.76 -12.64 8.72
C ILE A 84 -36.04 -13.47 8.52
N TRP A 85 -35.94 -14.80 8.65
CA TRP A 85 -37.03 -15.77 8.33
C TRP A 85 -37.82 -16.15 9.59
N VAL A 86 -37.26 -17.04 10.41
CA VAL A 86 -37.92 -17.67 11.59
C VAL A 86 -37.73 -16.77 12.81
N HIS A 87 -38.75 -16.00 13.17
CA HIS A 87 -38.72 -14.99 14.27
C HIS A 87 -38.96 -15.67 15.63
N HIS A 88 -40.02 -16.48 15.74
CA HIS A 88 -40.57 -17.00 17.01
C HIS A 88 -39.58 -17.98 17.66
N PRO A 89 -39.37 -19.20 17.12
CA PRO A 89 -38.52 -20.21 17.76
C PRO A 89 -37.01 -20.02 17.48
N TRP A 90 -36.22 -19.80 18.53
CA TRP A 90 -34.73 -19.71 18.49
C TRP A 90 -34.15 -21.13 18.47
N ALA A 91 -33.46 -21.50 17.39
CA ALA A 91 -33.07 -22.89 17.07
C ALA A 91 -31.65 -23.21 17.57
N PHE A 92 -31.01 -22.31 18.31
CA PHE A 92 -29.59 -22.43 18.73
C PHE A 92 -29.45 -22.43 20.26
N GLY A 93 -30.56 -22.44 21.00
CA GLY A 93 -30.58 -22.54 22.48
C GLY A 93 -29.93 -21.34 23.15
N ASP A 94 -29.75 -21.43 24.47
CA ASP A 94 -29.24 -20.32 25.32
C ASP A 94 -27.76 -20.08 25.01
N ALA A 95 -26.98 -21.15 24.81
CA ALA A 95 -25.54 -21.11 24.49
C ALA A 95 -25.33 -20.44 23.12
N GLY A 96 -26.07 -20.90 22.10
CA GLY A 96 -26.02 -20.36 20.73
C GLY A 96 -26.41 -18.90 20.69
N CYS A 97 -27.39 -18.50 21.52
CA CYS A 97 -27.86 -17.10 21.68
C CYS A 97 -26.71 -16.22 22.21
N LYS A 98 -26.15 -16.61 23.36
CA LYS A 98 -25.06 -15.85 24.05
C LYS A 98 -23.79 -15.87 23.18
N GLY A 99 -23.41 -17.05 22.67
CA GLY A 99 -22.23 -17.24 21.81
C GLY A 99 -22.29 -16.35 20.58
N TYR A 100 -23.41 -16.39 19.86
CA TYR A 100 -23.69 -15.60 18.63
C TYR A 100 -23.29 -14.15 18.85
N TYR A 101 -23.83 -13.52 19.90
CA TYR A 101 -23.65 -12.08 20.22
C TYR A 101 -22.22 -11.81 20.74
N PHE A 102 -21.60 -12.81 21.39
CA PHE A 102 -20.19 -12.74 21.84
C PHE A 102 -19.27 -12.73 20.60
N LEU A 103 -19.40 -13.74 19.74
CA LEU A 103 -18.51 -13.96 18.58
C LEU A 103 -18.69 -12.83 17.55
N ARG A 104 -19.90 -12.27 17.45
N ARG A 104 -19.90 -12.27 17.45
CA ARG A 104 -20.20 -11.12 16.55
CA ARG A 104 -20.23 -11.12 16.56
C ARG A 104 -19.45 -9.88 17.05
C ARG A 104 -19.48 -9.88 17.04
N GLU A 105 -19.60 -9.55 18.34
CA GLU A 105 -18.95 -8.36 18.96
C GLU A 105 -17.43 -8.50 18.94
N ALA A 106 -16.90 -9.68 19.32
CA ALA A 106 -15.45 -10.00 19.29
C ALA A 106 -14.90 -9.65 17.89
N CYS A 107 -15.61 -10.08 16.83
CA CYS A 107 -15.16 -9.97 15.41
C CYS A 107 -15.33 -8.54 14.90
N THR A 108 -16.32 -7.77 15.38
CA THR A 108 -16.49 -6.33 15.02
C THR A 108 -15.27 -5.56 15.56
N TYR A 109 -14.95 -5.75 16.83
CA TYR A 109 -13.78 -5.16 17.53
C TYR A 109 -12.51 -5.48 16.75
N ALA A 110 -12.16 -6.77 16.67
CA ALA A 110 -10.94 -7.29 16.01
C ALA A 110 -10.74 -6.60 14.65
N THR A 111 -11.77 -6.61 13.80
CA THR A 111 -11.76 -6.05 12.42
C THR A 111 -11.47 -4.55 12.47
N ALA A 112 -12.20 -3.82 13.33
CA ALA A 112 -12.03 -2.36 13.55
C ALA A 112 -10.60 -2.07 14.04
N LEU A 113 -10.17 -2.74 15.12
CA LEU A 113 -8.85 -2.53 15.75
C LEU A 113 -7.73 -2.85 14.75
N ASN A 114 -7.91 -3.90 13.94
CA ASN A 114 -6.95 -4.31 12.88
C ASN A 114 -6.82 -3.20 11.83
N VAL A 115 -7.97 -2.65 11.38
CA VAL A 115 -8.05 -1.58 10.35
C VAL A 115 -7.30 -0.34 10.85
N VAL A 116 -7.40 -0.02 12.14
CA VAL A 116 -6.72 1.16 12.76
C VAL A 116 -5.22 0.89 12.81
N SER A 117 -4.83 -0.26 13.38
CA SER A 117 -3.43 -0.75 13.47
C SER A 117 -2.75 -0.61 12.10
N LEU A 118 -3.49 -0.89 11.03
CA LEU A 118 -3.04 -0.79 9.62
C LEU A 118 -2.71 0.67 9.28
N SER A 119 -3.62 1.59 9.59
CA SER A 119 -3.49 3.06 9.33
C SER A 119 -2.38 3.65 10.22
N VAL A 120 -2.22 3.12 11.45
CA VAL A 120 -1.12 3.51 12.40
C VAL A 120 0.22 3.13 11.78
N GLU A 121 0.36 1.87 11.35
CA GLU A 121 1.61 1.31 10.75
C GLU A 121 2.00 2.11 9.51
N LEU A 122 1.03 2.47 8.65
CA LEU A 122 1.27 3.32 7.45
C LEU A 122 1.79 4.69 7.90
N TYR A 123 1.04 5.36 8.78
CA TYR A 123 1.35 6.70 9.35
C TYR A 123 2.79 6.70 9.87
N LEU A 124 3.15 5.72 10.70
CA LEU A 124 4.52 5.55 11.25
C LEU A 124 5.53 5.42 10.10
N ALA A 125 5.26 4.53 9.14
CA ALA A 125 6.13 4.27 7.96
C ALA A 125 6.37 5.58 7.20
N ILE A 126 5.33 6.40 7.03
CA ILE A 126 5.41 7.70 6.30
C ILE A 126 6.09 8.75 7.19
N CYS A 127 5.48 9.05 8.35
CA CYS A 127 5.77 10.24 9.19
C CYS A 127 6.93 9.97 10.16
N HIS A 128 7.38 8.72 10.29
CA HIS A 128 8.54 8.32 11.14
C HIS A 128 9.35 7.23 10.44
N PRO A 129 10.02 7.55 9.31
CA PRO A 129 10.87 6.58 8.62
C PRO A 129 11.98 6.03 9.53
N PHE A 130 12.59 6.91 10.34
CA PHE A 130 13.63 6.59 11.35
C PHE A 130 13.09 5.54 12.33
N LYS A 131 11.86 5.74 12.81
CA LYS A 131 11.21 4.86 13.83
C LYS A 131 10.79 3.54 13.18
N ALA A 132 10.34 3.58 11.91
CA ALA A 132 9.88 2.42 11.12
C ALA A 132 10.96 1.34 11.07
N LYS A 133 12.23 1.75 10.89
CA LYS A 133 13.40 0.84 10.77
C LYS A 133 13.65 0.13 12.12
N THR A 134 13.59 0.88 13.22
CA THR A 134 13.92 0.41 14.60
C THR A 134 12.71 -0.32 15.21
N LEU A 135 11.59 0.39 15.35
CA LEU A 135 10.40 -0.04 16.13
C LEU A 135 9.74 -1.27 15.48
N MET A 136 9.48 -1.21 14.16
CA MET A 136 8.72 -2.25 13.41
C MET A 136 9.56 -3.55 13.33
N SER A 137 9.03 -4.64 13.92
CA SER A 137 9.65 -5.99 13.93
C SER A 137 8.55 -7.06 13.93
N ARG A 138 8.80 -8.19 13.25
CA ARG A 138 7.86 -9.33 13.08
C ARG A 138 7.30 -9.73 14.46
N SER A 139 8.19 -10.01 15.42
CA SER A 139 7.86 -10.45 16.80
C SER A 139 6.93 -9.43 17.47
N ARG A 140 7.22 -8.14 17.32
CA ARG A 140 6.43 -7.03 17.92
C ARG A 140 4.99 -7.07 17.39
N THR A 141 4.83 -7.29 16.08
CA THR A 141 3.52 -7.33 15.37
C THR A 141 2.71 -8.54 15.84
N LYS A 142 3.33 -9.72 15.93
CA LYS A 142 2.70 -10.97 16.40
C LYS A 142 2.11 -10.77 17.81
N LYS A 143 2.93 -10.25 18.74
CA LYS A 143 2.53 -9.96 20.14
C LYS A 143 1.36 -8.97 20.15
N PHE A 144 1.42 -7.93 19.32
CA PHE A 144 0.42 -6.84 19.22
C PHE A 144 -0.93 -7.41 18.75
N ILE A 145 -0.93 -8.17 17.65
CA ILE A 145 -2.15 -8.78 17.05
C ILE A 145 -2.82 -9.69 18.11
N SER A 146 -2.03 -10.44 18.87
CA SER A 146 -2.48 -11.32 19.99
C SER A 146 -3.24 -10.47 21.02
N ALA A 147 -2.72 -9.28 21.34
CA ALA A 147 -3.32 -8.32 22.29
C ALA A 147 -4.67 -7.83 21.75
N ILE A 148 -4.74 -7.50 20.46
CA ILE A 148 -5.97 -6.97 19.79
C ILE A 148 -7.09 -8.00 19.95
N TRP A 149 -6.85 -9.23 19.48
CA TRP A 149 -7.81 -10.37 19.59
C TRP A 149 -8.25 -10.53 21.05
N LEU A 150 -7.30 -10.52 21.99
CA LEU A 150 -7.55 -10.74 23.43
C LEU A 150 -8.37 -9.55 23.99
N ALA A 151 -8.01 -8.33 23.61
CA ALA A 151 -8.74 -7.08 23.97
C ALA A 151 -10.19 -7.17 23.48
N SER A 152 -10.38 -7.64 22.25
CA SER A 152 -11.70 -7.82 21.58
C SER A 152 -12.53 -8.89 22.32
N ALA A 153 -11.90 -10.00 22.70
CA ALA A 153 -12.53 -11.14 23.41
C ALA A 153 -13.00 -10.68 24.80
N LEU A 154 -12.14 -9.98 25.54
CA LEU A 154 -12.43 -9.46 26.91
C LEU A 154 -13.60 -8.47 26.85
N LEU A 155 -13.62 -7.57 25.87
CA LEU A 155 -14.65 -6.51 25.70
C LEU A 155 -15.98 -7.12 25.23
N ALA A 156 -15.96 -8.34 24.69
CA ALA A 156 -17.15 -9.05 24.16
C ALA A 156 -17.85 -9.85 25.27
N ILE A 157 -17.15 -10.16 26.37
CA ILE A 157 -17.67 -10.97 27.50
C ILE A 157 -19.03 -10.42 27.96
N PRO A 158 -19.17 -9.10 28.22
CA PRO A 158 -20.46 -8.54 28.65
C PRO A 158 -21.68 -9.04 27.86
N MET A 159 -21.51 -9.35 26.57
CA MET A 159 -22.58 -9.86 25.67
C MET A 159 -23.08 -11.22 26.14
N LEU A 160 -22.23 -11.99 26.83
CA LEU A 160 -22.59 -13.30 27.43
C LEU A 160 -23.60 -13.10 28.56
N PHE A 161 -23.57 -11.93 29.22
CA PHE A 161 -24.43 -11.60 30.38
C PHE A 161 -25.59 -10.68 29.98
N THR A 162 -25.40 -9.82 28.96
CA THR A 162 -26.41 -8.80 28.54
C THR A 162 -27.49 -9.43 27.66
N MET A 163 -27.14 -10.43 26.84
CA MET A 163 -28.09 -11.15 25.94
C MET A 163 -28.36 -12.55 26.49
N GLY A 164 -29.52 -13.11 26.16
CA GLY A 164 -30.00 -14.44 26.63
C GLY A 164 -31.39 -14.76 26.12
N LEU A 165 -31.81 -16.04 26.25
CA LEU A 165 -33.13 -16.52 25.76
C LEU A 165 -34.24 -16.01 26.69
N GLN A 166 -35.41 -15.70 26.11
CA GLN A 166 -36.68 -15.39 26.81
C GLN A 166 -37.85 -15.94 26.01
N ASN A 167 -38.91 -16.38 26.71
CA ASN A 167 -40.15 -16.94 26.10
C ASN A 167 -41.24 -15.86 26.15
N LEU A 168 -41.66 -15.37 24.97
CA LEU A 168 -42.68 -14.30 24.83
C LEU A 168 -43.72 -14.72 23.77
N GLY A 176 -41.16 -22.51 21.43
CA GLY A 176 -42.31 -21.83 20.79
C GLY A 176 -42.07 -20.33 20.62
N GLY A 177 -41.93 -19.61 21.73
CA GLY A 177 -41.72 -18.14 21.77
C GLY A 177 -40.31 -17.77 22.22
N LEU A 178 -39.37 -18.72 22.16
CA LEU A 178 -37.96 -18.55 22.59
C LEU A 178 -37.25 -17.60 21.62
N VAL A 179 -36.81 -16.44 22.11
CA VAL A 179 -36.11 -15.40 21.29
C VAL A 179 -34.85 -14.95 22.04
N CYS A 180 -33.77 -14.69 21.29
CA CYS A 180 -32.46 -14.21 21.82
C CYS A 180 -32.51 -12.68 21.98
N THR A 181 -33.02 -12.22 23.14
CA THR A 181 -33.32 -10.81 23.47
C THR A 181 -32.50 -10.40 24.69
N PRO A 182 -32.24 -9.08 24.93
CA PRO A 182 -31.48 -8.67 26.11
C PRO A 182 -32.13 -9.13 27.42
N ILE A 183 -31.32 -9.65 28.36
CA ILE A 183 -31.78 -10.23 29.65
C ILE A 183 -31.44 -9.26 30.80
N VAL A 184 -30.92 -8.07 30.48
CA VAL A 184 -30.59 -7.01 31.47
C VAL A 184 -31.59 -5.85 31.30
N ASP A 185 -31.47 -4.81 32.14
CA ASP A 185 -32.33 -3.60 32.08
C ASP A 185 -31.78 -2.65 31.00
N THR A 186 -32.67 -1.86 30.40
CA THR A 186 -32.38 -0.94 29.25
C THR A 186 -31.18 -0.05 29.57
N ALA A 187 -31.13 0.53 30.78
CA ALA A 187 -30.04 1.42 31.24
C ALA A 187 -28.69 0.72 31.04
N THR A 188 -28.53 -0.48 31.61
CA THR A 188 -27.35 -1.36 31.46
C THR A 188 -27.07 -1.56 29.96
N LEU A 189 -28.08 -2.02 29.21
CA LEU A 189 -28.00 -2.36 27.76
C LEU A 189 -27.54 -1.12 26.96
N ARG A 190 -28.13 0.04 27.22
CA ARG A 190 -27.80 1.32 26.53
C ARG A 190 -26.31 1.62 26.67
N VAL A 191 -25.73 1.37 27.86
CA VAL A 191 -24.33 1.74 28.21
C VAL A 191 -23.36 0.76 27.52
N VAL A 192 -23.54 -0.55 27.70
CA VAL A 192 -22.64 -1.60 27.12
C VAL A 192 -22.52 -1.37 25.61
N ILE A 193 -23.63 -1.06 24.93
CA ILE A 193 -23.69 -0.86 23.45
C ILE A 193 -23.10 0.52 23.11
N GLN A 194 -23.50 1.57 23.84
CA GLN A 194 -22.93 2.94 23.70
C GLN A 194 -21.41 2.86 23.82
N LEU A 195 -20.91 2.03 24.74
CA LEU A 195 -19.46 1.80 24.98
C LEU A 195 -18.84 1.12 23.76
N ASN A 196 -19.42 -0.01 23.33
CA ASN A 196 -18.97 -0.83 22.17
C ASN A 196 -18.90 0.06 20.92
N THR A 197 -19.93 0.86 20.67
CA THR A 197 -20.06 1.75 19.48
C THR A 197 -18.90 2.76 19.46
N PHE A 198 -18.53 3.31 20.62
CA PHE A 198 -17.37 4.24 20.77
C PHE A 198 -16.07 3.45 20.56
N MET A 199 -15.92 2.35 21.31
CA MET A 199 -14.67 1.55 21.41
C MET A 199 -14.37 0.81 20.10
N SER A 200 -15.40 0.33 19.39
CA SER A 200 -15.28 -0.60 18.24
C SER A 200 -15.69 0.07 16.91
N PHE A 201 -15.80 1.40 16.88
CA PHE A 201 -16.13 2.16 15.64
C PHE A 201 -15.70 3.62 15.76
N LEU A 202 -16.47 4.44 16.47
CA LEU A 202 -16.33 5.92 16.49
C LEU A 202 -14.87 6.30 16.74
N PHE A 203 -14.29 5.83 17.86
CA PHE A 203 -12.91 6.15 18.28
C PHE A 203 -11.92 5.54 17.28
N PRO A 204 -12.00 4.23 16.97
CA PRO A 204 -11.18 3.64 15.91
C PRO A 204 -11.15 4.45 14.61
N MET A 205 -12.32 4.77 14.04
CA MET A 205 -12.45 5.48 12.74
C MET A 205 -11.96 6.93 12.87
N LEU A 206 -12.22 7.56 14.01
CA LEU A 206 -11.68 8.91 14.37
C LEU A 206 -10.15 8.87 14.22
N VAL A 207 -9.50 7.98 14.98
CA VAL A 207 -8.01 7.81 14.99
C VAL A 207 -7.54 7.58 13.55
N ALA A 208 -8.09 6.56 12.88
CA ALA A 208 -7.71 6.13 11.51
C ALA A 208 -7.79 7.32 10.55
N SER A 209 -8.99 7.91 10.40
CA SER A 209 -9.29 9.03 9.47
C SER A 209 -8.26 10.16 9.66
N ILE A 210 -8.04 10.58 10.91
CA ILE A 210 -7.08 11.64 11.29
C ILE A 210 -5.68 11.25 10.78
N LEU A 211 -5.16 10.12 11.27
CA LEU A 211 -3.78 9.62 10.95
C LEU A 211 -3.58 9.58 9.43
N ASN A 212 -4.56 9.01 8.69
CA ASN A 212 -4.51 8.89 7.21
C ASN A 212 -4.41 10.28 6.59
N THR A 213 -5.16 11.26 7.11
CA THR A 213 -5.16 12.67 6.64
C THR A 213 -3.79 13.31 6.92
N VAL A 214 -3.25 13.07 8.13
CA VAL A 214 -1.90 13.55 8.55
C VAL A 214 -0.84 12.91 7.64
N ALA A 215 -0.97 11.60 7.40
CA ALA A 215 -0.07 10.81 6.53
C ALA A 215 -0.13 11.33 5.09
N ALA A 216 -1.33 11.68 4.61
CA ALA A 216 -1.58 12.23 3.26
C ALA A 216 -0.93 13.61 3.13
N ARG A 217 -1.04 14.45 4.18
CA ARG A 217 -0.40 15.79 4.26
C ARG A 217 1.13 15.63 4.26
N ARG A 218 1.65 14.73 5.10
CA ARG A 218 3.11 14.46 5.24
C ARG A 218 3.67 13.85 3.93
N LEU A 219 2.89 12.99 3.28
CA LEU A 219 3.31 12.27 2.04
C LEU A 219 3.57 13.27 0.91
N THR A 220 2.72 14.30 0.80
CA THR A 220 2.76 15.32 -0.29
C THR A 220 4.00 16.22 -0.13
N VAL A 221 4.51 16.38 1.09
CA VAL A 221 5.79 17.09 1.38
C VAL A 221 6.92 16.39 0.60
N MET A 222 7.05 15.07 0.81
CA MET A 222 8.15 14.23 0.25
C MET A 222 8.03 14.14 -1.28
N VAL A 223 6.82 14.19 -1.82
CA VAL A 223 6.56 14.21 -3.29
C VAL A 223 7.09 15.53 -3.87
N HIS A 224 7.00 16.63 -3.11
CA HIS A 224 7.43 18.00 -3.51
C HIS A 224 8.95 18.05 -3.71
N GLN A 225 9.71 17.22 -2.98
CA GLN A 225 11.20 17.12 -3.06
C GLN A 225 11.62 16.85 -4.51
N ALA A 226 10.85 16.03 -5.24
CA ALA A 226 11.02 15.77 -6.69
C ALA A 226 10.88 17.09 -7.45
N THR A 231 15.54 16.01 -9.43
CA THR A 231 14.82 15.33 -10.54
C THR A 231 14.60 13.83 -10.22
N ILE A 232 14.67 13.43 -8.95
CA ILE A 232 14.51 12.01 -8.50
C ILE A 232 13.01 11.67 -8.46
N GLU A 233 12.68 10.37 -8.47
CA GLU A 233 11.28 9.84 -8.34
C GLU A 233 11.31 8.56 -7.50
N PRO A 234 11.50 8.61 -6.17
CA PRO A 234 11.80 7.41 -5.38
C PRO A 234 10.69 6.35 -5.36
N GLY A 235 11.10 5.07 -5.41
CA GLY A 235 10.19 3.90 -5.41
C GLY A 235 9.43 3.77 -4.10
N ARG A 236 10.11 4.00 -2.96
CA ARG A 236 9.52 3.90 -1.60
C ARG A 236 8.37 4.89 -1.45
N VAL A 237 8.55 6.12 -1.94
CA VAL A 237 7.52 7.19 -1.96
C VAL A 237 6.29 6.68 -2.74
N GLN A 238 6.52 6.17 -3.95
CA GLN A 238 5.46 5.66 -4.87
C GLN A 238 4.66 4.55 -4.17
N ALA A 239 5.33 3.67 -3.44
CA ALA A 239 4.71 2.56 -2.66
C ALA A 239 3.80 3.16 -1.59
N LEU A 240 4.32 4.09 -0.79
CA LEU A 240 3.57 4.78 0.30
C LEU A 240 2.40 5.57 -0.29
N ARG A 241 2.64 6.24 -1.43
CA ARG A 241 1.63 6.99 -2.22
C ARG A 241 0.39 6.12 -2.42
N ARG A 242 0.60 4.86 -2.82
CA ARG A 242 -0.46 3.85 -3.11
C ARG A 242 -1.11 3.40 -1.80
N GLY A 243 -0.31 3.14 -0.76
CA GLY A 243 -0.79 2.78 0.59
C GLY A 243 -1.86 3.75 1.08
N VAL A 244 -1.61 5.05 0.92
CA VAL A 244 -2.56 6.15 1.31
C VAL A 244 -3.87 5.96 0.55
N LEU A 245 -3.81 5.66 -0.74
CA LEU A 245 -5.00 5.49 -1.62
C LEU A 245 -5.79 4.26 -1.17
N VAL A 246 -5.09 3.14 -0.94
CA VAL A 246 -5.70 1.87 -0.48
C VAL A 246 -6.34 2.11 0.89
N LEU A 247 -5.59 2.70 1.83
CA LEU A 247 -6.06 2.91 3.22
C LEU A 247 -7.18 3.95 3.26
N ARG A 248 -7.16 4.95 2.37
CA ARG A 248 -8.27 5.93 2.22
C ARG A 248 -9.57 5.17 1.92
N ALA A 249 -9.51 4.24 0.97
CA ALA A 249 -10.63 3.37 0.54
C ALA A 249 -11.12 2.52 1.71
N VAL A 250 -10.19 1.93 2.48
CA VAL A 250 -10.48 1.00 3.61
C VAL A 250 -11.38 1.72 4.63
N VAL A 251 -11.02 2.95 5.00
CA VAL A 251 -11.75 3.76 6.03
C VAL A 251 -13.12 4.17 5.46
N ILE A 252 -13.15 4.74 4.26
CA ILE A 252 -14.41 5.15 3.57
C ILE A 252 -15.31 3.92 3.43
N ALA A 253 -14.74 2.78 3.05
CA ALA A 253 -15.45 1.48 2.88
C ALA A 253 -15.99 1.01 4.23
N PHE A 254 -15.16 1.03 5.27
CA PHE A 254 -15.50 0.58 6.64
C PHE A 254 -16.63 1.46 7.22
N VAL A 255 -16.51 2.78 7.09
CA VAL A 255 -17.46 3.77 7.67
C VAL A 255 -18.85 3.57 7.05
N VAL A 256 -18.95 3.53 5.72
CA VAL A 256 -20.26 3.43 4.99
C VAL A 256 -20.89 2.06 5.29
N CYS A 257 -20.08 1.02 5.47
CA CYS A 257 -20.53 -0.38 5.71
C CYS A 257 -20.99 -0.57 7.15
N TRP A 258 -20.32 0.10 8.12
CA TRP A 258 -20.50 -0.13 9.58
C TRP A 258 -21.32 0.97 10.25
N LEU A 259 -21.40 2.18 9.69
CA LEU A 259 -22.16 3.30 10.30
C LEU A 259 -23.63 2.88 10.45
N PRO A 260 -24.31 2.37 9.39
CA PRO A 260 -25.72 2.01 9.50
C PRO A 260 -25.98 0.99 10.62
N TYR A 261 -25.14 -0.05 10.68
CA TYR A 261 -25.17 -1.14 11.70
C TYR A 261 -25.16 -0.54 13.11
N HIS A 262 -24.13 0.25 13.43
CA HIS A 262 -23.94 0.89 14.76
C HIS A 262 -25.11 1.83 15.06
N VAL A 263 -25.56 2.60 14.06
CA VAL A 263 -26.72 3.53 14.17
C VAL A 263 -27.97 2.73 14.55
N ARG A 264 -28.20 1.59 13.89
CA ARG A 264 -29.38 0.71 14.14
C ARG A 264 -29.34 0.19 15.58
N ARG A 265 -28.20 -0.30 16.04
CA ARG A 265 -28.04 -0.91 17.40
C ARG A 265 -28.25 0.17 18.46
N LEU A 266 -27.77 1.39 18.24
CA LEU A 266 -28.04 2.57 19.12
C LEU A 266 -29.53 2.91 19.09
N MET A 267 -30.15 2.87 17.91
CA MET A 267 -31.61 3.13 17.74
C MET A 267 -32.39 2.09 18.54
N PHE A 268 -31.98 0.81 18.49
CA PHE A 268 -32.69 -0.34 19.10
C PHE A 268 -32.77 -0.18 20.62
N VAL A 269 -31.68 0.24 21.26
CA VAL A 269 -31.62 0.38 22.76
C VAL A 269 -32.59 1.49 23.20
N TYR A 270 -32.66 2.60 22.45
CA TYR A 270 -33.50 3.78 22.78
C TYR A 270 -34.95 3.57 22.29
N ILE A 271 -35.19 2.56 21.45
CA ILE A 271 -36.53 2.26 20.87
C ILE A 271 -37.17 1.07 21.63
N SER A 272 -36.57 0.63 22.75
CA SER A 272 -36.93 -0.60 23.49
C SER A 272 -38.28 -0.46 24.22
N ASP A 273 -38.83 0.75 24.31
CA ASP A 273 -40.21 1.03 24.82
C ASP A 273 -41.23 0.44 23.85
N GLU A 274 -42.37 -0.04 24.37
CA GLU A 274 -43.46 -0.70 23.59
C GLU A 274 -44.29 0.37 22.88
N GLN A 275 -43.64 1.23 22.08
CA GLN A 275 -44.27 2.26 21.21
C GLN A 275 -44.11 1.83 19.75
N TRP A 276 -43.67 0.60 19.51
CA TRP A 276 -43.48 0.02 18.15
C TRP A 276 -44.79 0.13 17.37
N THR A 277 -44.95 1.21 16.60
CA THR A 277 -46.05 1.39 15.62
C THR A 277 -45.72 0.50 14.41
N THR A 278 -46.72 0.17 13.59
CA THR A 278 -46.54 -0.64 12.35
C THR A 278 -45.59 0.10 11.40
N ALA A 279 -45.57 1.44 11.45
CA ALA A 279 -44.64 2.29 10.67
C ALA A 279 -43.19 2.03 11.12
N LEU A 280 -42.95 1.88 12.43
CA LEU A 280 -41.60 1.64 12.99
C LEU A 280 -41.15 0.22 12.64
N PHE A 281 -42.05 -0.77 12.77
CA PHE A 281 -41.82 -2.18 12.35
C PHE A 281 -41.30 -2.22 10.92
N ASP A 282 -42.10 -1.66 9.99
CA ASP A 282 -41.81 -1.62 8.53
C ASP A 282 -40.40 -1.05 8.32
N PHE A 283 -40.11 0.10 8.92
CA PHE A 283 -38.81 0.82 8.81
C PHE A 283 -37.67 -0.10 9.27
N TYR A 284 -37.74 -0.59 10.51
CA TYR A 284 -36.67 -1.37 11.18
C TYR A 284 -36.43 -2.70 10.43
N HIS A 285 -37.52 -3.33 9.96
CA HIS A 285 -37.48 -4.57 9.14
C HIS A 285 -36.45 -4.41 8.00
N TYR A 286 -36.57 -3.35 7.21
CA TYR A 286 -35.70 -3.06 6.04
C TYR A 286 -34.33 -2.55 6.50
N PHE A 287 -34.32 -1.68 7.51
CA PHE A 287 -33.10 -1.04 8.06
C PHE A 287 -32.16 -2.12 8.63
N TYR A 288 -32.73 -3.13 9.29
CA TYR A 288 -32.00 -4.30 9.85
C TYR A 288 -31.33 -5.06 8.70
N MET A 289 -32.12 -5.47 7.71
CA MET A 289 -31.67 -6.22 6.50
C MET A 289 -30.50 -5.48 5.84
N LEU A 290 -30.68 -4.18 5.55
CA LEU A 290 -29.71 -3.32 4.83
C LEU A 290 -28.43 -3.14 5.65
N SER A 291 -28.57 -2.79 6.94
CA SER A 291 -27.46 -2.48 7.88
C SER A 291 -26.55 -3.71 8.02
N ASN A 292 -27.14 -4.90 8.22
CA ASN A 292 -26.41 -6.18 8.42
C ASN A 292 -25.79 -6.64 7.09
N ALA A 293 -26.51 -6.47 5.98
CA ALA A 293 -26.06 -6.82 4.61
C ALA A 293 -24.74 -6.10 4.31
N LEU A 294 -24.61 -4.84 4.75
CA LEU A 294 -23.41 -3.99 4.53
C LEU A 294 -22.25 -4.46 5.42
N VAL A 295 -22.55 -5.01 6.60
CA VAL A 295 -21.53 -5.62 7.52
C VAL A 295 -20.94 -6.85 6.81
N TYR A 296 -21.78 -7.65 6.17
CA TYR A 296 -21.37 -8.89 5.43
C TYR A 296 -20.65 -8.49 4.14
N VAL A 297 -21.07 -7.38 3.50
CA VAL A 297 -20.37 -6.76 2.35
C VAL A 297 -18.93 -6.40 2.77
N SER A 298 -18.77 -5.79 3.94
CA SER A 298 -17.47 -5.34 4.51
C SER A 298 -16.52 -6.53 4.67
N ALA A 299 -17.06 -7.71 4.97
CA ALA A 299 -16.31 -8.99 5.14
C ALA A 299 -16.00 -9.59 3.77
N ALA A 300 -16.93 -9.43 2.81
CA ALA A 300 -16.86 -10.04 1.46
C ALA A 300 -15.90 -9.27 0.55
N ILE A 301 -15.61 -7.99 0.86
CA ILE A 301 -14.67 -7.13 0.08
C ILE A 301 -13.27 -7.23 0.71
N ASN A 302 -13.15 -7.76 1.92
CA ASN A 302 -11.87 -7.86 2.68
C ASN A 302 -10.79 -8.48 1.79
N PRO A 303 -11.06 -9.58 1.05
CA PRO A 303 -10.05 -10.17 0.17
C PRO A 303 -9.55 -9.23 -0.94
N ILE A 304 -10.37 -8.27 -1.37
CA ILE A 304 -9.99 -7.25 -2.40
C ILE A 304 -8.83 -6.41 -1.84
N LEU A 305 -8.90 -6.06 -0.55
CA LEU A 305 -7.82 -5.32 0.16
C LEU A 305 -6.53 -6.13 0.10
N TYR A 306 -6.61 -7.43 0.43
CA TYR A 306 -5.48 -8.38 0.36
C TYR A 306 -4.83 -8.29 -1.03
N ASN A 307 -5.65 -8.29 -2.09
CA ASN A 307 -5.19 -8.21 -3.50
C ASN A 307 -4.47 -6.88 -3.71
N LEU A 308 -5.10 -5.77 -3.32
CA LEU A 308 -4.55 -4.39 -3.47
C LEU A 308 -3.22 -4.26 -2.71
N ALA A 309 -3.10 -4.92 -1.55
CA ALA A 309 -1.91 -4.87 -0.66
C ALA A 309 -0.78 -5.68 -1.28
N GLU A 310 -1.03 -6.94 -1.63
CA GLU A 310 -0.04 -7.89 -2.20
C GLU A 310 0.46 -7.34 -3.54
N ASP A 311 -0.46 -6.85 -4.38
CA ASP A 311 -0.17 -6.23 -5.71
C ASP A 311 0.77 -5.03 -5.51
N LEU A 312 0.51 -4.22 -4.47
CA LEU A 312 1.34 -3.03 -4.11
C LEU A 312 2.72 -3.49 -3.63
N VAL A 313 2.76 -4.41 -2.65
CA VAL A 313 4.01 -4.92 -2.00
C VAL A 313 4.87 -5.64 -3.04
N GLU A 314 4.26 -6.45 -3.91
CA GLU A 314 4.98 -7.22 -4.97
C GLU A 314 5.68 -6.24 -5.92
N ASP A 315 4.98 -5.18 -6.35
CA ASP A 315 5.51 -4.11 -7.24
C ASP A 315 6.70 -3.43 -6.57
N TRP A 316 6.58 -3.11 -5.27
CA TRP A 316 7.67 -2.55 -4.43
C TRP A 316 8.86 -3.51 -4.41
N GLU A 317 8.60 -4.81 -4.20
CA GLU A 317 9.63 -5.88 -4.07
C GLU A 317 10.37 -6.06 -5.42
N LYS A 318 9.63 -6.13 -6.52
CA LYS A 318 10.19 -6.27 -7.90
C LYS A 318 11.19 -5.13 -8.16
N ALA A 319 10.82 -3.91 -7.78
CA ALA A 319 11.61 -2.67 -7.99
C ALA A 319 12.96 -2.78 -7.29
N ARG A 320 12.95 -3.14 -5.99
CA ARG A 320 14.18 -3.32 -5.17
C ARG A 320 15.09 -4.34 -5.84
N LYS A 321 14.52 -5.51 -6.17
CA LYS A 321 15.22 -6.65 -6.83
C LYS A 321 15.88 -6.17 -8.13
N LEU A 322 15.19 -5.29 -8.88
CA LEU A 322 15.66 -4.76 -10.19
C LEU A 322 16.91 -3.90 -9.98
N LEU A 323 16.89 -3.02 -8.97
CA LEU A 323 18.04 -2.13 -8.61
C LEU A 323 19.18 -2.98 -8.03
N GLU A 324 18.84 -3.99 -7.22
CA GLU A 324 19.81 -4.96 -6.64
C GLU A 324 20.49 -5.74 -7.77
N ALA A 325 19.70 -6.35 -8.66
CA ALA A 325 20.15 -7.19 -9.78
C ALA A 325 21.01 -6.36 -10.76
N ALA A 326 20.58 -5.13 -11.06
CA ALA A 326 21.30 -4.18 -11.95
C ALA A 326 22.67 -3.84 -11.35
N ARG A 327 22.71 -3.48 -10.07
CA ARG A 327 23.96 -3.18 -9.30
C ARG A 327 24.83 -4.45 -9.25
N LYS A 328 24.24 -5.57 -8.84
CA LYS A 328 24.92 -6.90 -8.68
C LYS A 328 25.47 -7.35 -10.04
N GLY A 329 24.70 -7.17 -11.11
CA GLY A 329 25.06 -7.60 -12.49
C GLY A 329 24.41 -8.93 -12.86
N GLN A 330 23.39 -9.36 -12.09
CA GLN A 330 22.60 -10.59 -12.35
C GLN A 330 21.74 -10.38 -13.60
N ASP A 331 22.34 -10.57 -14.78
CA ASP A 331 21.75 -10.33 -16.12
C ASP A 331 20.45 -11.13 -16.28
N ASP A 332 20.45 -12.40 -15.83
CA ASP A 332 19.30 -13.34 -15.96
C ASP A 332 18.10 -12.80 -15.17
N GLU A 333 18.32 -12.42 -13.90
CA GLU A 333 17.28 -11.94 -12.97
C GLU A 333 16.59 -10.71 -13.57
N VAL A 334 17.35 -9.75 -14.09
CA VAL A 334 16.85 -8.48 -14.69
C VAL A 334 15.76 -8.80 -15.73
N ARG A 335 16.08 -9.68 -16.68
CA ARG A 335 15.16 -10.09 -17.78
C ARG A 335 13.85 -10.59 -17.18
N ILE A 336 13.93 -11.50 -16.20
CA ILE A 336 12.75 -12.09 -15.49
C ILE A 336 11.89 -10.95 -14.94
N LEU A 337 12.45 -10.13 -14.06
CA LEU A 337 11.75 -9.03 -13.34
C LEU A 337 10.99 -8.17 -14.36
N LEU A 338 11.70 -7.65 -15.37
CA LEU A 338 11.13 -6.76 -16.42
C LEU A 338 9.93 -7.45 -17.08
N ALA A 339 10.05 -8.74 -17.39
CA ALA A 339 9.02 -9.56 -18.08
C ALA A 339 7.75 -9.63 -17.22
N ASN A 340 7.88 -9.79 -15.91
CA ASN A 340 6.75 -10.00 -14.96
C ASN A 340 6.04 -8.68 -14.67
N GLY A 341 6.74 -7.55 -14.85
CA GLY A 341 6.15 -6.20 -14.75
C GLY A 341 6.82 -5.33 -13.69
N ALA A 342 8.13 -5.48 -13.50
CA ALA A 342 8.96 -4.61 -12.63
C ALA A 342 9.11 -3.24 -13.31
N ASP A 343 9.02 -2.16 -12.54
CA ASP A 343 9.11 -0.76 -13.05
C ASP A 343 10.57 -0.48 -13.42
N VAL A 344 10.85 -0.36 -14.73
CA VAL A 344 12.20 -0.12 -15.31
C VAL A 344 12.71 1.26 -14.87
N ASN A 345 11.80 2.23 -14.71
CA ASN A 345 12.11 3.63 -14.29
C ASN A 345 11.77 3.81 -12.82
N THR A 346 12.43 3.03 -11.94
CA THR A 346 12.41 3.20 -10.46
C THR A 346 13.73 3.81 -10.03
N ALA A 347 13.75 4.46 -8.86
CA ALA A 347 14.96 5.08 -8.24
C ALA A 347 15.01 4.75 -6.75
N ASP A 348 16.21 4.88 -6.15
CA ASP A 348 16.44 4.76 -4.69
C ASP A 348 16.28 6.14 -4.04
N GLU A 349 16.62 6.26 -2.75
CA GLU A 349 16.48 7.51 -1.96
C GLU A 349 17.26 8.66 -2.63
N THR A 350 18.39 8.35 -3.27
CA THR A 350 19.30 9.33 -3.92
C THR A 350 18.80 9.68 -5.33
N GLY A 351 18.04 8.79 -5.97
CA GLY A 351 17.41 9.03 -7.28
C GLY A 351 18.09 8.27 -8.42
N PHE A 352 18.86 7.22 -8.10
CA PHE A 352 19.57 6.36 -9.09
C PHE A 352 18.63 5.27 -9.59
N THR A 353 18.32 5.29 -10.90
CA THR A 353 17.49 4.28 -11.60
C THR A 353 18.36 3.04 -11.86
N PRO A 354 17.78 1.88 -12.24
CA PRO A 354 18.59 0.70 -12.52
C PRO A 354 19.61 0.94 -13.63
N LEU A 355 19.22 1.70 -14.66
CA LEU A 355 20.10 2.10 -15.81
C LEU A 355 21.34 2.82 -15.25
N HIS A 356 21.14 3.80 -14.37
CA HIS A 356 22.23 4.55 -13.67
C HIS A 356 23.25 3.57 -13.09
N LEU A 357 22.79 2.59 -12.32
CA LEU A 357 23.65 1.62 -11.57
C LEU A 357 24.33 0.66 -12.55
N ALA A 358 23.58 0.16 -13.53
CA ALA A 358 24.07 -0.79 -14.56
C ALA A 358 25.29 -0.18 -15.28
N ALA A 359 25.18 1.08 -15.70
CA ALA A 359 26.23 1.85 -16.39
C ALA A 359 27.42 2.07 -15.44
N TRP A 360 27.14 2.50 -14.20
CA TRP A 360 28.16 2.76 -13.15
C TRP A 360 28.98 1.49 -12.89
N GLU A 361 28.33 0.34 -12.78
CA GLU A 361 28.97 -0.98 -12.51
C GLU A 361 29.47 -1.59 -13.84
N GLY A 362 29.08 -1.00 -14.97
CA GLY A 362 29.61 -1.34 -16.32
C GLY A 362 29.08 -2.68 -16.83
N HIS A 363 27.77 -2.90 -16.70
CA HIS A 363 27.05 -4.11 -17.18
C HIS A 363 26.35 -3.78 -18.51
N LEU A 364 27.12 -3.78 -19.60
CA LEU A 364 26.67 -3.43 -20.98
C LEU A 364 25.42 -4.23 -21.34
N GLY A 365 25.45 -5.56 -21.14
CA GLY A 365 24.34 -6.48 -21.45
C GLY A 365 23.03 -6.04 -20.81
N ILE A 366 23.09 -5.59 -19.55
CA ILE A 366 21.91 -5.12 -18.75
C ILE A 366 21.42 -3.79 -19.34
N VAL A 367 22.32 -2.82 -19.52
CA VAL A 367 22.02 -1.47 -20.08
C VAL A 367 21.21 -1.63 -21.37
N GLU A 368 21.64 -2.54 -22.25
CA GLU A 368 20.97 -2.84 -23.55
C GLU A 368 19.54 -3.32 -23.28
N VAL A 369 19.36 -4.24 -22.33
CA VAL A 369 18.06 -4.86 -21.96
C VAL A 369 17.11 -3.76 -21.45
N LEU A 370 17.58 -2.93 -20.52
CA LEU A 370 16.79 -1.87 -19.84
C LEU A 370 16.26 -0.88 -20.89
N LEU A 371 17.13 -0.38 -21.77
CA LEU A 371 16.78 0.60 -22.83
C LEU A 371 15.82 -0.05 -23.84
N LYS A 372 15.89 -1.37 -24.01
CA LYS A 372 14.97 -2.16 -24.87
C LYS A 372 13.56 -2.14 -24.27
N ASN A 373 13.44 -2.31 -22.95
CA ASN A 373 12.15 -2.39 -22.20
C ASN A 373 11.64 -0.98 -21.90
N GLY A 374 12.38 0.07 -22.28
CA GLY A 374 11.93 1.48 -22.26
C GLY A 374 12.43 2.24 -21.05
N ALA A 375 13.72 2.11 -20.72
CA ALA A 375 14.40 2.85 -19.63
C ALA A 375 14.58 4.31 -20.06
N ASP A 376 14.43 5.25 -19.12
CA ASP A 376 14.65 6.71 -19.36
C ASP A 376 16.15 6.97 -19.52
N VAL A 377 16.61 7.17 -20.75
CA VAL A 377 18.03 7.42 -21.10
C VAL A 377 18.50 8.73 -20.47
N ASN A 378 17.61 9.73 -20.36
CA ASN A 378 17.91 11.12 -19.91
C ASN A 378 17.46 11.32 -18.46
N ALA A 379 17.45 10.27 -17.63
CA ALA A 379 17.08 10.34 -16.19
C ALA A 379 18.23 10.98 -15.40
N ASN A 380 17.91 11.76 -14.37
CA ASN A 380 18.88 12.44 -13.47
C ASN A 380 18.68 11.97 -12.03
N ASP A 381 19.77 11.92 -11.24
CA ASP A 381 19.73 11.69 -9.77
C ASP A 381 19.60 13.05 -9.08
N GLU A 382 19.79 13.10 -7.75
CA GLU A 382 19.86 14.35 -6.94
C GLU A 382 20.98 15.26 -7.47
N ARG A 383 22.17 14.67 -7.72
CA ARG A 383 23.38 15.39 -8.18
C ARG A 383 23.21 15.88 -9.63
N GLY A 384 22.20 15.38 -10.35
CA GLY A 384 21.89 15.78 -11.73
C GLY A 384 22.64 14.95 -12.75
N HIS A 385 23.15 13.79 -12.34
CA HIS A 385 23.96 12.86 -13.18
C HIS A 385 23.03 11.94 -13.99
N THR A 386 23.11 12.01 -15.31
CA THR A 386 22.49 11.05 -16.26
C THR A 386 23.37 9.80 -16.32
N PRO A 387 22.86 8.66 -16.83
CA PRO A 387 23.69 7.46 -16.99
C PRO A 387 25.00 7.74 -17.72
N LEU A 388 24.98 8.65 -18.71
CA LEU A 388 26.12 9.02 -19.58
C LEU A 388 27.24 9.64 -18.74
N HIS A 389 26.90 10.41 -17.70
CA HIS A 389 27.86 10.98 -16.71
C HIS A 389 28.69 9.84 -16.09
N LEU A 390 28.00 8.83 -15.55
CA LEU A 390 28.61 7.70 -14.80
C LEU A 390 29.40 6.81 -15.76
N ALA A 391 28.95 6.68 -17.01
CA ALA A 391 29.59 5.88 -18.08
C ALA A 391 30.93 6.51 -18.48
N ALA A 392 30.99 7.84 -18.54
CA ALA A 392 32.20 8.64 -18.84
C ALA A 392 33.18 8.55 -17.66
N TYR A 393 32.67 8.72 -16.43
CA TYR A 393 33.45 8.69 -15.16
C TYR A 393 34.24 7.38 -15.07
N THR A 394 33.54 6.25 -15.18
CA THR A 394 34.11 4.87 -15.14
C THR A 394 34.98 4.65 -16.38
N GLY A 395 34.45 4.97 -17.56
CA GLY A 395 35.15 4.92 -18.85
C GLY A 395 34.85 3.64 -19.63
N HIS A 396 33.57 3.24 -19.66
CA HIS A 396 33.07 2.08 -20.44
C HIS A 396 32.56 2.60 -21.80
N LEU A 397 33.38 2.49 -22.83
CA LEU A 397 33.15 3.05 -24.19
C LEU A 397 31.86 2.47 -24.80
N GLU A 398 31.65 1.16 -24.64
CA GLU A 398 30.56 0.39 -25.31
C GLU A 398 29.20 0.92 -24.85
N ILE A 399 29.05 1.20 -23.56
CA ILE A 399 27.78 1.68 -22.92
C ILE A 399 27.47 3.08 -23.45
N VAL A 400 28.47 3.98 -23.42
CA VAL A 400 28.37 5.38 -23.93
C VAL A 400 27.76 5.35 -25.33
N GLU A 401 28.36 4.59 -26.25
CA GLU A 401 27.92 4.45 -27.67
C GLU A 401 26.46 4.00 -27.71
N VAL A 402 26.10 3.02 -26.86
CA VAL A 402 24.72 2.45 -26.74
C VAL A 402 23.76 3.58 -26.32
N LEU A 403 24.04 4.21 -25.18
CA LEU A 403 23.22 5.30 -24.57
C LEU A 403 22.93 6.38 -25.61
N LEU A 404 23.97 6.84 -26.32
CA LEU A 404 23.89 7.91 -27.35
C LEU A 404 23.00 7.45 -28.51
N LYS A 405 23.08 6.17 -28.88
CA LYS A 405 22.23 5.53 -29.92
C LYS A 405 20.76 5.65 -29.52
N ASN A 406 20.46 5.55 -28.21
CA ASN A 406 19.08 5.56 -27.65
C ASN A 406 18.62 7.00 -27.35
N GLY A 407 19.41 8.01 -27.77
CA GLY A 407 19.04 9.43 -27.69
C GLY A 407 19.37 10.04 -26.35
N ALA A 408 20.57 9.77 -25.83
CA ALA A 408 21.11 10.37 -24.58
C ALA A 408 21.41 11.85 -24.83
N GLY A 409 21.40 12.66 -23.76
CA GLY A 409 21.79 14.08 -23.80
C GLY A 409 23.30 14.23 -23.75
N VAL A 410 23.93 14.51 -24.90
CA VAL A 410 25.41 14.67 -25.04
C VAL A 410 25.87 15.85 -24.19
N ASN A 411 25.08 16.94 -24.19
CA ASN A 411 25.41 18.24 -23.54
C ASN A 411 24.67 18.36 -22.20
N ALA A 412 24.30 17.25 -21.57
CA ALA A 412 23.62 17.22 -20.26
C ALA A 412 24.61 17.62 -19.16
N THR A 413 24.30 18.66 -18.38
CA THR A 413 25.15 19.18 -17.28
C THR A 413 24.49 18.87 -15.93
N ASP A 414 25.30 18.70 -14.89
CA ASP A 414 24.85 18.38 -13.50
C ASP A 414 24.80 19.69 -12.70
N VAL A 415 24.63 19.59 -11.37
CA VAL A 415 24.50 20.76 -10.45
C VAL A 415 25.79 21.57 -10.47
N ILE A 416 26.95 20.91 -10.41
CA ILE A 416 28.30 21.55 -10.50
C ILE A 416 28.40 22.26 -11.87
N GLY A 417 27.82 21.66 -12.91
CA GLY A 417 27.87 22.16 -14.31
C GLY A 417 28.74 21.26 -15.19
N THR A 418 29.10 20.08 -14.69
CA THR A 418 29.95 19.07 -15.37
C THR A 418 29.15 18.36 -16.46
N ALA A 419 29.55 18.55 -17.73
CA ALA A 419 29.06 17.78 -18.90
C ALA A 419 29.81 16.44 -18.94
N PRO A 420 29.33 15.44 -19.72
CA PRO A 420 29.99 14.13 -19.76
C PRO A 420 31.42 14.21 -20.31
N LEU A 421 31.65 15.15 -21.23
CA LEU A 421 32.97 15.40 -21.89
C LEU A 421 33.98 15.85 -20.83
N HIS A 422 33.57 16.72 -19.90
CA HIS A 422 34.37 17.17 -18.73
C HIS A 422 34.94 15.94 -18.01
N LEU A 423 34.09 14.96 -17.71
CA LEU A 423 34.42 13.73 -16.94
C LEU A 423 35.31 12.81 -17.79
N ALA A 424 34.96 12.64 -19.07
CA ALA A 424 35.69 11.83 -20.07
C ALA A 424 37.13 12.35 -20.19
N ALA A 425 37.29 13.66 -20.34
CA ALA A 425 38.59 14.37 -20.50
C ALA A 425 39.41 14.30 -19.22
N MET A 426 38.79 14.60 -18.06
CA MET A 426 39.45 14.65 -16.74
C MET A 426 40.12 13.30 -16.43
N TRP A 427 39.37 12.19 -16.59
CA TRP A 427 39.81 10.82 -16.22
C TRP A 427 40.50 10.11 -17.40
N GLY A 428 40.66 10.82 -18.52
CA GLY A 428 41.54 10.40 -19.65
C GLY A 428 40.98 9.22 -20.41
N HIS A 429 39.85 9.43 -21.10
CA HIS A 429 39.21 8.44 -22.02
C HIS A 429 39.13 9.05 -23.43
N LEU A 430 40.28 9.16 -24.10
CA LEU A 430 40.44 9.81 -25.42
C LEU A 430 39.43 9.23 -26.43
N GLU A 431 39.17 7.92 -26.35
CA GLU A 431 38.24 7.18 -27.24
C GLU A 431 36.81 7.69 -27.02
N ILE A 432 36.42 7.93 -25.76
CA ILE A 432 35.09 8.47 -25.37
C ILE A 432 35.01 9.95 -25.81
N VAL A 433 36.10 10.71 -25.64
CA VAL A 433 36.19 12.15 -26.03
C VAL A 433 35.88 12.28 -27.53
N GLU A 434 36.49 11.41 -28.35
CA GLU A 434 36.26 11.36 -29.82
C GLU A 434 34.80 10.99 -30.11
N VAL A 435 34.28 9.99 -29.36
CA VAL A 435 32.89 9.45 -29.49
C VAL A 435 31.88 10.59 -29.27
N LEU A 436 32.01 11.30 -28.14
CA LEU A 436 31.09 12.38 -27.71
C LEU A 436 31.06 13.50 -28.75
N LEU A 437 32.23 14.02 -29.14
CA LEU A 437 32.39 15.11 -30.14
C LEU A 437 31.70 14.73 -31.46
N LYS A 438 31.85 13.46 -31.87
CA LYS A 438 31.17 12.88 -33.07
C LYS A 438 29.66 13.09 -32.96
N ASN A 439 29.10 12.92 -31.76
CA ASN A 439 27.64 12.99 -31.48
C ASN A 439 27.22 14.41 -31.11
N GLY A 440 28.12 15.39 -31.26
CA GLY A 440 27.81 16.83 -31.18
C GLY A 440 28.00 17.40 -29.78
N ALA A 441 29.04 16.95 -29.06
CA ALA A 441 29.44 17.46 -27.73
C ALA A 441 30.03 18.86 -27.88
N ASP A 442 29.58 19.81 -27.05
CA ASP A 442 30.12 21.20 -26.99
C ASP A 442 31.44 21.18 -26.23
N VAL A 443 32.56 21.43 -26.93
CA VAL A 443 33.94 21.50 -26.37
C VAL A 443 34.09 22.80 -25.56
N ASN A 444 33.23 23.78 -25.82
CA ASN A 444 33.30 25.16 -25.25
C ASN A 444 32.48 25.26 -23.96
N ALA A 445 31.82 24.17 -23.53
CA ALA A 445 30.99 24.11 -22.31
C ALA A 445 31.87 24.32 -21.07
N GLN A 446 31.40 25.11 -20.10
CA GLN A 446 32.11 25.44 -18.84
C GLN A 446 31.28 24.97 -17.64
N ASP A 447 31.89 24.93 -16.45
CA ASP A 447 31.25 24.50 -15.18
C ASP A 447 31.25 25.67 -14.19
N LYS A 448 30.85 25.43 -12.93
CA LYS A 448 30.79 26.45 -11.84
C LYS A 448 32.17 27.07 -11.64
N PHE A 449 33.24 26.31 -11.87
CA PHE A 449 34.66 26.75 -11.75
C PHE A 449 35.14 27.38 -13.06
N GLY A 450 34.28 27.42 -14.09
CA GLY A 450 34.55 28.05 -15.40
C GLY A 450 35.42 27.18 -16.29
N LYS A 451 35.86 26.01 -15.79
CA LYS A 451 36.81 25.11 -16.49
C LYS A 451 36.07 24.38 -17.63
N THR A 452 36.62 24.44 -18.84
CA THR A 452 36.18 23.64 -20.02
C THR A 452 36.75 22.23 -19.92
N PRO A 453 36.30 21.28 -20.77
CA PRO A 453 36.92 19.95 -20.83
C PRO A 453 38.42 20.05 -21.14
N PHE A 454 38.78 20.90 -22.11
CA PHE A 454 40.18 21.20 -22.53
C PHE A 454 40.98 21.71 -21.32
N ASP A 455 40.38 22.58 -20.51
CA ASP A 455 40.99 23.13 -19.27
C ASP A 455 41.17 22.01 -18.25
N LEU A 456 40.19 21.10 -18.13
CA LEU A 456 40.21 19.96 -17.16
C LEU A 456 41.27 18.94 -17.59
N ALA A 457 41.48 18.75 -18.89
CA ALA A 457 42.52 17.86 -19.47
C ALA A 457 43.91 18.39 -19.10
N ILE A 458 44.14 19.68 -19.33
CA ILE A 458 45.40 20.41 -18.98
C ILE A 458 45.65 20.28 -17.47
N ASP A 459 44.60 20.52 -16.65
CA ASP A 459 44.65 20.42 -15.17
C ASP A 459 45.07 19.01 -14.75
N ASN A 460 44.33 18.00 -15.21
CA ASN A 460 44.57 16.56 -14.87
C ASN A 460 45.87 16.09 -15.52
N GLY A 461 46.27 16.70 -16.64
CA GLY A 461 47.52 16.40 -17.36
C GLY A 461 47.32 15.36 -18.45
N ASN A 462 46.19 15.42 -19.14
CA ASN A 462 45.83 14.52 -20.27
C ASN A 462 46.15 15.26 -21.58
N GLU A 463 47.44 15.51 -21.82
CA GLU A 463 47.99 16.38 -22.90
C GLU A 463 47.52 15.88 -24.28
N ASP A 464 47.40 14.56 -24.46
CA ASP A 464 47.01 13.91 -25.73
C ASP A 464 45.56 14.29 -26.07
N ILE A 465 44.67 14.20 -25.08
CA ILE A 465 43.21 14.50 -25.19
C ILE A 465 43.02 16.00 -25.50
N ALA A 466 43.83 16.86 -24.86
CA ALA A 466 43.78 18.33 -24.97
C ALA A 466 44.00 18.76 -26.43
N GLU A 467 44.94 18.11 -27.14
CA GLU A 467 45.25 18.36 -28.56
C GLU A 467 44.00 18.16 -29.41
N VAL A 468 43.20 17.13 -29.09
CA VAL A 468 41.96 16.74 -29.81
C VAL A 468 40.91 17.86 -29.62
N LEU A 469 40.77 18.34 -28.38
CA LEU A 469 39.83 19.43 -28.00
C LEU A 469 40.34 20.76 -28.55
N GLN A 470 41.65 20.96 -28.55
CA GLN A 470 42.32 22.18 -29.08
C GLN A 470 41.91 22.40 -30.55
N LYS A 471 42.08 21.37 -31.39
CA LYS A 471 41.76 21.39 -32.84
C LYS A 471 40.25 21.58 -33.03
N ALA A 472 39.44 20.93 -32.17
CA ALA A 472 37.96 20.94 -32.22
C ALA A 472 37.44 22.38 -32.10
N ALA A 473 37.98 23.15 -31.15
CA ALA A 473 37.61 24.56 -30.87
C ALA A 473 38.03 25.46 -32.05
N THR A 474 39.22 25.25 -32.59
CA THR A 474 39.81 26.04 -33.71
C THR A 474 38.94 25.90 -34.96
N ARG A 475 38.40 24.69 -35.20
CA ARG A 475 37.54 24.37 -36.37
C ARG A 475 36.27 25.23 -36.33
N GLU A 476 35.69 25.42 -35.15
CA GLU A 476 34.41 26.16 -34.92
C GLU A 476 34.63 27.66 -35.19
N LEU A 477 35.80 28.20 -34.82
CA LEU A 477 36.19 29.62 -35.04
C LEU A 477 36.26 29.89 -36.56
N GLU A 478 36.80 28.95 -37.32
CA GLU A 478 36.98 29.04 -38.80
C GLU A 478 35.63 29.26 -39.48
N VAL A 479 34.55 28.72 -38.93
CA VAL A 479 33.15 28.85 -39.45
C VAL A 479 32.74 30.33 -39.33
N LEU A 480 33.13 31.00 -38.24
CA LEU A 480 32.79 32.41 -37.95
C LEU A 480 33.75 33.34 -38.70
CL SR5 B . -35.96 -8.31 9.50
C22 SR5 B . -36.09 -7.99 11.21
C21 SR5 B . -35.01 -8.29 12.02
C20 SR5 B . -35.08 -8.05 13.36
C23 SR5 B . -37.25 -7.48 11.71
C24 SR5 B . -37.37 -7.24 13.09
C19 SR5 B . -36.26 -7.52 13.95
N3 SR5 B . -38.55 -6.75 13.57
C25 SR5 B . -38.66 -6.55 14.88
C26 SR5 B . -37.64 -6.79 15.79
C18 SR5 B . -36.43 -7.27 15.34
N2 SR5 B . -35.35 -7.41 16.27
N1 SR5 B . -34.23 -6.66 16.02
C8 SR5 B . -35.21 -8.19 17.38
C9 SR5 B . -36.29 -9.08 17.88
C15 SR5 B . -37.10 -8.71 18.96
O4 SR5 B . -36.80 -7.50 19.54
C16 SR5 B . -36.97 -7.37 20.95
C14 SR5 B . -38.11 -9.54 19.40
C13 SR5 B . -38.33 -10.76 18.77
C12 SR5 B . -37.54 -11.15 17.70
C10 SR5 B . -36.52 -10.32 17.25
O3 SR5 B . -35.71 -10.60 16.20
C11 SR5 B . -36.00 -11.75 15.39
C17 SR5 B . -33.94 -7.96 17.86
C7 SR5 B . -33.37 -7.01 17.00
C SR5 B . -32.01 -6.43 17.01
O SR5 B . -31.67 -5.59 16.17
N SR5 B . -31.19 -6.89 17.97
C1 SR5 B . -29.84 -6.34 18.10
C6 SR5 B . -28.90 -6.96 17.08
O2 SR5 B . -28.88 -8.14 16.81
O1 SR5 B . -28.13 -6.05 16.50
C2 SR5 B . -29.32 -6.55 19.53
C3 SR5 B . -28.24 -5.56 19.95
C5 SR5 B . -27.47 -6.07 21.17
C4 SR5 B . -28.85 -4.19 20.21
H23 SR5 B . -34.11 -8.70 11.58
H22 SR5 B . -34.23 -8.28 13.99
H24 SR5 B . -38.09 -7.25 11.06
H25 SR5 B . -39.62 -6.17 15.22
H26 SR5 B . -37.81 -6.60 16.85
H18 SR5 B . -35.98 -7.05 21.29
H20 SR5 B . -37.23 -8.31 21.43
H19 SR5 B . -37.69 -6.61 21.25
H17 SR5 B . -38.78 -9.26 20.22
H16 SR5 B . -39.13 -11.41 19.13
H15 SR5 B . -37.76 -12.13 17.28
H12 SR5 B . -35.95 -11.33 14.39
H14 SR5 B . -36.98 -12.20 15.52
H13 SR5 B . -35.22 -12.52 15.49
H21 SR5 B . -33.50 -8.44 18.74
H1 SR5 B . -31.46 -7.61 18.62
H SR5 B . -29.88 -5.27 17.89
H11 SR5 B . -27.53 -6.45 15.83
H2 SR5 B . -28.97 -7.57 19.66
H3 SR5 B . -30.17 -6.46 20.21
H4 SR5 B . -27.53 -5.45 19.13
H9 SR5 B . -27.70 -5.56 22.10
H8 SR5 B . -26.39 -6.00 21.03
H10 SR5 B . -27.69 -7.11 21.37
H5 SR5 B . -28.92 -3.95 21.26
H7 SR5 B . -29.86 -4.11 19.80
H6 SR5 B . -28.26 -3.39 19.74
#